data_1WVT
#
_entry.id   1WVT
#
_cell.length_a   117.577
_cell.length_b   117.577
_cell.length_c   79.049
_cell.angle_alpha   90.00
_cell.angle_beta   90.00
_cell.angle_gamma   90.00
#
_symmetry.space_group_name_H-M   'P 41 21 2'
#
loop_
_entity.id
_entity.type
_entity.pdbx_description
1 polymer 'hypothetical protein ST2180'
2 water water
#
_entity_poly.entity_id   1
_entity_poly.type   'polypeptide(L)'
_entity_poly.pdbx_seq_one_letter_code
;(MSE)WYTGTGDKGKTKVPSVGEVWKDSEIVKALGDLDELNSVLGVVSSLYPELSEVIQKLQNDIFSISSEIAGFD
(MSE)NFSDEKVKGIEELITNYSKELEPLRNFVLPGGHIASSFLHLARAVCRRAERSVVTLLKESKAKEVHAKYLNRLSS
LLFVLALVVNKRTNNPNVIWRGKD
;
_entity_poly.pdbx_strand_id   A,B,C
#
# COMPACT_ATOMS: atom_id res chain seq x y z
N LYS A 22 -2.59 7.99 -22.02
CA LYS A 22 -3.46 8.44 -20.90
C LYS A 22 -4.94 8.26 -21.18
N ASP A 23 -5.34 7.00 -21.04
CA ASP A 23 -6.69 6.52 -21.18
C ASP A 23 -6.78 6.01 -19.74
N SER A 24 -7.58 6.68 -18.91
CA SER A 24 -7.68 6.32 -17.51
C SER A 24 -7.59 4.82 -17.12
N GLU A 25 -8.14 3.94 -17.94
CA GLU A 25 -8.09 2.52 -17.62
C GLU A 25 -6.68 1.95 -17.79
N ILE A 26 -5.92 2.52 -18.71
CA ILE A 26 -4.55 2.06 -18.95
C ILE A 26 -3.60 2.61 -17.91
N VAL A 27 -3.73 3.90 -17.59
CA VAL A 27 -2.86 4.50 -16.60
C VAL A 27 -3.13 3.88 -15.22
N LYS A 28 -4.37 3.45 -15.01
CA LYS A 28 -4.74 2.83 -13.75
C LYS A 28 -4.05 1.48 -13.62
N ALA A 29 -4.09 0.70 -14.70
CA ALA A 29 -3.47 -0.62 -14.72
C ALA A 29 -1.98 -0.45 -14.52
N LEU A 30 -1.41 0.57 -15.16
CA LEU A 30 0.01 0.84 -15.05
C LEU A 30 0.39 1.33 -13.65
N GLY A 31 -0.55 1.98 -12.95
CA GLY A 31 -0.28 2.47 -11.61
C GLY A 31 -0.19 1.29 -10.66
N ASP A 32 -1.18 0.40 -10.76
CA ASP A 32 -1.19 -0.80 -9.92
C ASP A 32 0.09 -1.62 -10.11
N LEU A 33 0.56 -1.69 -11.36
CA LEU A 33 1.77 -2.45 -11.68
C LEU A 33 3.01 -1.82 -11.03
N ASP A 34 3.06 -0.49 -11.03
CA ASP A 34 4.16 0.25 -10.41
C ASP A 34 4.19 -0.02 -8.90
N GLU A 35 3.01 -0.03 -8.26
CA GLU A 35 2.88 -0.27 -6.83
C GLU A 35 3.36 -1.69 -6.53
N LEU A 36 2.98 -2.63 -7.40
CA LEU A 36 3.37 -4.02 -7.24
C LEU A 36 4.89 -4.13 -7.29
N ASN A 37 5.52 -3.50 -8.27
CA ASN A 37 6.97 -3.59 -8.36
C ASN A 37 7.64 -2.94 -7.15
N SER A 38 7.01 -1.89 -6.61
CA SER A 38 7.57 -1.22 -5.42
C SER A 38 7.48 -2.12 -4.19
N VAL A 39 6.34 -2.79 -3.98
CA VAL A 39 6.20 -3.70 -2.84
C VAL A 39 7.19 -4.86 -2.97
N LEU A 40 7.36 -5.36 -4.20
CA LEU A 40 8.31 -6.44 -4.45
C LEU A 40 9.74 -6.00 -4.05
N GLY A 41 10.05 -4.72 -4.29
CA GLY A 41 11.35 -4.18 -3.94
C GLY A 41 11.49 -4.16 -2.42
N VAL A 42 10.39 -3.86 -1.72
CA VAL A 42 10.43 -3.88 -0.27
C VAL A 42 10.73 -5.31 0.20
N VAL A 43 10.10 -6.29 -0.42
CA VAL A 43 10.36 -7.65 -0.02
C VAL A 43 11.83 -7.98 -0.22
N SER A 44 12.36 -7.61 -1.39
CA SER A 44 13.75 -7.91 -1.69
C SER A 44 14.68 -7.28 -0.66
N SER A 45 14.35 -6.07 -0.21
CA SER A 45 15.16 -5.38 0.80
C SER A 45 15.13 -6.17 2.11
N LEU A 46 13.97 -6.72 2.43
CA LEU A 46 13.81 -7.44 3.69
C LEU A 46 14.29 -8.88 3.69
N TYR A 47 14.30 -9.49 2.51
CA TYR A 47 14.72 -10.87 2.40
C TYR A 47 15.61 -11.01 1.16
N PRO A 48 16.85 -10.47 1.23
CA PRO A 48 17.84 -10.51 0.14
C PRO A 48 18.11 -11.89 -0.45
N GLU A 49 17.78 -12.94 0.29
CA GLU A 49 18.01 -14.28 -0.23
C GLU A 49 17.08 -14.62 -1.38
N LEU A 50 16.09 -13.78 -1.63
CA LEU A 50 15.16 -14.00 -2.72
C LEU A 50 15.22 -12.87 -3.77
N SER A 51 16.21 -12.00 -3.64
CA SER A 51 16.38 -10.86 -4.56
C SER A 51 16.50 -11.28 -6.02
N GLU A 52 17.27 -12.34 -6.28
CA GLU A 52 17.48 -12.84 -7.63
C GLU A 52 16.14 -13.23 -8.26
N VAL A 53 15.36 -14.01 -7.53
CA VAL A 53 14.05 -14.41 -8.02
C VAL A 53 13.13 -13.19 -8.11
N ILE A 54 13.17 -12.33 -7.10
CA ILE A 54 12.31 -11.16 -7.12
C ILE A 54 12.61 -10.18 -8.26
N GLN A 55 13.89 -9.90 -8.50
CA GLN A 55 14.26 -8.99 -9.59
C GLN A 55 13.76 -9.51 -10.95
N LYS A 56 13.82 -10.82 -11.16
CA LYS A 56 13.32 -11.40 -12.41
C LYS A 56 11.83 -11.14 -12.53
N LEU A 57 11.11 -11.23 -11.40
CA LEU A 57 9.68 -10.97 -11.40
C LEU A 57 9.46 -9.48 -11.72
N GLN A 58 10.29 -8.62 -11.16
CA GLN A 58 10.18 -7.19 -11.39
C GLN A 58 10.45 -6.87 -12.85
N ASN A 59 11.44 -7.56 -13.43
CA ASN A 59 11.75 -7.35 -14.84
C ASN A 59 10.53 -7.72 -15.66
N ASP A 60 9.91 -8.84 -15.33
CA ASP A 60 8.73 -9.25 -16.07
C ASP A 60 7.59 -8.23 -15.93
N ILE A 61 7.44 -7.65 -14.73
CA ILE A 61 6.38 -6.68 -14.51
C ILE A 61 6.62 -5.44 -15.36
N PHE A 62 7.89 -5.06 -15.46
CA PHE A 62 8.26 -3.89 -16.24
C PHE A 62 8.01 -4.15 -17.72
N SER A 63 8.29 -5.37 -18.19
CA SER A 63 8.03 -5.70 -19.59
C SER A 63 6.54 -5.66 -19.85
N ILE A 64 5.75 -6.30 -18.97
CA ILE A 64 4.29 -6.30 -19.13
C ILE A 64 3.80 -4.85 -19.20
N SER A 65 4.22 -4.06 -18.21
CA SER A 65 3.86 -2.65 -18.11
C SER A 65 4.20 -1.92 -19.42
N SER A 66 5.43 -2.14 -19.88
CA SER A 66 5.95 -1.56 -21.09
C SER A 66 5.04 -1.88 -22.30
N GLU A 67 4.71 -3.15 -22.50
CA GLU A 67 3.85 -3.54 -23.61
C GLU A 67 2.50 -2.84 -23.51
N ILE A 68 1.90 -2.83 -22.31
CA ILE A 68 0.61 -2.19 -22.13
C ILE A 68 0.70 -0.71 -22.48
N ALA A 69 1.89 -0.15 -22.35
CA ALA A 69 2.11 1.26 -22.67
C ALA A 69 2.43 1.47 -24.15
N GLY A 70 2.27 0.41 -24.95
CA GLY A 70 2.51 0.50 -26.37
C GLY A 70 3.80 -0.11 -26.91
N PHE A 71 4.78 -0.30 -26.03
CA PHE A 71 6.07 -0.87 -26.43
C PHE A 71 6.12 -2.39 -26.36
N ASP A 72 5.46 -3.08 -27.30
CA ASP A 72 5.48 -4.56 -27.29
C ASP A 72 6.89 -5.09 -27.31
N ASN A 74 7.42 -8.86 -27.36
CA ASN A 74 7.26 -10.30 -27.49
C ASN A 74 7.35 -10.98 -26.13
N PHE A 75 6.44 -10.61 -25.23
CA PHE A 75 6.39 -11.20 -23.90
C PHE A 75 5.67 -12.51 -24.16
N SER A 76 6.38 -13.62 -23.98
CA SER A 76 5.82 -14.94 -24.27
C SER A 76 5.16 -15.70 -23.13
N ASP A 77 4.28 -16.61 -23.51
CA ASP A 77 3.57 -17.46 -22.56
C ASP A 77 4.58 -18.32 -21.84
N GLU A 78 5.83 -18.27 -22.31
CA GLU A 78 6.90 -19.02 -21.68
C GLU A 78 7.11 -18.43 -20.29
N LYS A 79 6.79 -17.14 -20.18
CA LYS A 79 6.90 -16.44 -18.91
C LYS A 79 5.97 -17.06 -17.88
N VAL A 80 4.74 -17.35 -18.30
CA VAL A 80 3.77 -17.94 -17.40
C VAL A 80 4.28 -19.32 -16.96
N LYS A 81 4.72 -20.13 -17.91
CA LYS A 81 5.26 -21.44 -17.59
C LYS A 81 6.38 -21.27 -16.56
N GLY A 82 7.16 -20.21 -16.71
CA GLY A 82 8.25 -19.97 -15.78
C GLY A 82 7.79 -19.83 -14.34
N ILE A 83 6.64 -19.17 -14.16
CA ILE A 83 6.06 -18.95 -12.84
C ILE A 83 5.47 -20.24 -12.27
N GLU A 84 4.73 -20.96 -13.10
CA GLU A 84 4.11 -22.21 -12.67
C GLU A 84 5.20 -23.15 -12.20
N GLU A 85 6.35 -23.08 -12.86
CA GLU A 85 7.48 -23.92 -12.50
C GLU A 85 8.00 -23.52 -11.12
N LEU A 86 8.12 -22.23 -10.89
CA LEU A 86 8.61 -21.72 -9.61
C LEU A 86 7.59 -22.14 -8.54
N ILE A 87 6.30 -21.99 -8.85
CA ILE A 87 5.24 -22.38 -7.90
C ILE A 87 5.44 -23.84 -7.49
N THR A 88 5.69 -24.70 -8.47
CA THR A 88 5.91 -26.13 -8.20
C THR A 88 7.14 -26.44 -7.33
N ASN A 89 8.30 -25.92 -7.71
CA ASN A 89 9.52 -26.20 -6.95
C ASN A 89 9.50 -25.64 -5.52
N TYR A 90 8.92 -24.45 -5.33
CA TYR A 90 8.84 -23.88 -4.00
C TYR A 90 7.85 -24.62 -3.08
N SER A 91 6.76 -25.11 -3.63
CA SER A 91 5.77 -25.82 -2.82
C SER A 91 6.33 -27.14 -2.27
N LYS A 92 7.36 -27.67 -2.93
CA LYS A 92 7.99 -28.92 -2.50
C LYS A 92 8.55 -28.82 -1.09
N GLU A 93 8.77 -27.60 -0.62
CA GLU A 93 9.30 -27.32 0.71
C GLU A 93 8.18 -27.28 1.75
N LEU A 94 6.95 -27.10 1.27
CA LEU A 94 5.82 -26.96 2.14
C LEU A 94 4.99 -28.21 2.39
N GLU A 95 4.43 -28.29 3.59
CA GLU A 95 3.57 -29.40 3.98
C GLU A 95 2.19 -29.15 3.37
N PRO A 96 1.28 -30.13 3.50
CA PRO A 96 -0.05 -29.90 2.93
C PRO A 96 -0.65 -28.88 3.91
N LEU A 97 -1.36 -27.90 3.39
CA LEU A 97 -1.95 -26.88 4.25
C LEU A 97 -3.38 -27.24 4.63
N ARG A 98 -3.71 -27.10 5.92
CA ARG A 98 -5.06 -27.43 6.38
C ARG A 98 -5.76 -26.27 7.10
N ASN A 99 -5.39 -25.04 6.73
CA ASN A 99 -5.97 -23.86 7.35
C ASN A 99 -5.91 -22.70 6.38
N PHE A 100 -6.73 -21.69 6.62
CA PHE A 100 -6.65 -20.50 5.81
C PHE A 100 -5.62 -19.62 6.53
N VAL A 101 -4.62 -19.22 5.77
CA VAL A 101 -3.51 -18.43 6.32
C VAL A 101 -3.78 -16.95 6.26
N LEU A 102 -3.51 -16.25 7.36
CA LEU A 102 -3.67 -14.81 7.38
C LEU A 102 -2.25 -14.21 7.32
N PRO A 103 -2.12 -13.01 6.72
CA PRO A 103 -0.79 -12.37 6.63
C PRO A 103 -0.14 -12.26 8.00
N GLY A 104 1.12 -12.66 8.10
CA GLY A 104 1.78 -12.56 9.38
C GLY A 104 3.05 -13.35 9.40
N GLY A 105 3.72 -13.35 10.56
CA GLY A 105 4.97 -14.04 10.74
C GLY A 105 6.15 -13.09 10.52
N HIS A 106 7.13 -13.59 9.78
CA HIS A 106 8.31 -12.83 9.43
C HIS A 106 7.84 -11.61 8.62
N ILE A 107 8.49 -10.47 8.82
CA ILE A 107 8.10 -9.23 8.14
C ILE A 107 8.07 -9.38 6.60
N ALA A 108 8.98 -10.16 6.03
CA ALA A 108 9.00 -10.35 4.57
C ALA A 108 7.78 -11.15 4.12
N SER A 109 7.36 -12.10 4.96
CA SER A 109 6.19 -12.93 4.66
C SER A 109 4.94 -12.04 4.57
N SER A 110 4.77 -11.14 5.55
CA SER A 110 3.64 -10.20 5.57
C SER A 110 3.66 -9.30 4.32
N PHE A 111 4.83 -8.83 3.92
CA PHE A 111 4.90 -8.00 2.71
C PHE A 111 4.68 -8.83 1.45
N LEU A 112 5.02 -10.12 1.48
CA LEU A 112 4.78 -10.95 0.32
C LEU A 112 3.25 -11.07 0.16
N HIS A 113 2.53 -11.25 1.29
CA HIS A 113 1.07 -11.34 1.27
C HIS A 113 0.49 -10.04 0.73
N LEU A 114 1.15 -8.93 1.01
CA LEU A 114 0.70 -7.62 0.53
C LEU A 114 0.97 -7.50 -0.97
N ALA A 115 2.10 -8.04 -1.42
CA ALA A 115 2.46 -7.98 -2.83
C ALA A 115 1.38 -8.74 -3.58
N ARG A 116 1.01 -9.89 -3.04
CA ARG A 116 -0.03 -10.72 -3.63
C ARG A 116 -1.33 -9.94 -3.76
N ALA A 117 -1.71 -9.20 -2.71
CA ALA A 117 -2.95 -8.42 -2.75
C ALA A 117 -2.87 -7.30 -3.78
N VAL A 118 -1.71 -6.68 -3.90
CA VAL A 118 -1.55 -5.62 -4.88
C VAL A 118 -1.45 -6.27 -6.26
N CYS A 119 -0.90 -7.47 -6.30
CA CYS A 119 -0.79 -8.17 -7.57
C CYS A 119 -2.21 -8.52 -8.04
N ARG A 120 -3.05 -8.98 -7.12
CA ARG A 120 -4.42 -9.30 -7.50
C ARG A 120 -5.17 -8.04 -7.96
N ARG A 121 -4.88 -6.89 -7.36
CA ARG A 121 -5.53 -5.64 -7.79
C ARG A 121 -5.02 -5.28 -9.19
N ALA A 122 -3.71 -5.41 -9.40
CA ALA A 122 -3.17 -5.11 -10.72
C ALA A 122 -3.79 -6.11 -11.73
N GLU A 123 -3.97 -7.36 -11.32
CA GLU A 123 -4.55 -8.35 -12.20
C GLU A 123 -5.93 -7.87 -12.70
N ARG A 124 -6.72 -7.31 -11.79
CA ARG A 124 -8.05 -6.79 -12.13
C ARG A 124 -8.03 -5.68 -13.18
N SER A 125 -7.07 -4.77 -13.08
CA SER A 125 -6.97 -3.67 -14.04
C SER A 125 -6.55 -4.16 -15.41
N VAL A 126 -5.68 -5.17 -15.46
CA VAL A 126 -5.24 -5.71 -16.73
C VAL A 126 -6.38 -6.52 -17.38
N VAL A 127 -7.15 -7.23 -16.56
CA VAL A 127 -8.26 -8.03 -17.09
C VAL A 127 -9.25 -7.09 -17.76
N THR A 128 -9.48 -5.94 -17.14
CA THR A 128 -10.39 -4.94 -17.71
C THR A 128 -9.87 -4.50 -19.07
N LEU A 129 -8.55 -4.37 -19.16
CA LEU A 129 -7.91 -3.97 -20.40
C LEU A 129 -7.98 -5.11 -21.41
N LEU A 130 -8.30 -6.31 -20.95
CA LEU A 130 -8.38 -7.46 -21.84
C LEU A 130 -9.48 -7.23 -22.84
N LYS A 131 -10.55 -6.59 -22.39
CA LYS A 131 -11.62 -6.25 -23.31
C LYS A 131 -10.99 -5.13 -24.14
N GLU A 132 -11.60 -4.78 -25.27
CA GLU A 132 -11.04 -3.74 -26.12
C GLU A 132 -9.61 -4.04 -26.53
N SER A 133 -9.13 -5.20 -26.09
CA SER A 133 -7.77 -5.64 -26.37
C SER A 133 -6.78 -4.49 -26.20
N LYS A 134 -6.70 -4.00 -24.96
CA LYS A 134 -5.77 -2.93 -24.62
C LYS A 134 -4.62 -3.56 -23.83
N ALA A 135 -4.65 -4.89 -23.74
CA ALA A 135 -3.65 -5.67 -23.03
C ALA A 135 -3.75 -7.13 -23.50
N LYS A 136 -2.60 -7.79 -23.51
CA LYS A 136 -2.48 -9.18 -23.95
C LYS A 136 -3.10 -10.18 -22.98
N GLU A 137 -3.48 -11.33 -23.48
CA GLU A 137 -4.07 -12.36 -22.64
C GLU A 137 -2.97 -13.01 -21.82
N VAL A 138 -1.73 -12.83 -22.24
CA VAL A 138 -0.61 -13.41 -21.53
C VAL A 138 -0.30 -12.58 -20.29
N HIS A 139 -0.54 -11.27 -20.37
CA HIS A 139 -0.32 -10.36 -19.26
C HIS A 139 -1.18 -10.80 -18.07
N ALA A 140 -2.47 -10.99 -18.33
CA ALA A 140 -3.42 -11.40 -17.30
C ALA A 140 -3.09 -12.77 -16.72
N LYS A 141 -2.67 -13.70 -17.58
CA LYS A 141 -2.34 -15.05 -17.14
C LYS A 141 -1.16 -15.00 -16.17
N TYR A 142 -0.14 -14.26 -16.57
CA TYR A 142 1.06 -14.12 -15.75
C TYR A 142 0.73 -13.58 -14.35
N LEU A 143 0.01 -12.46 -14.30
CA LEU A 143 -0.35 -11.82 -13.05
C LEU A 143 -1.08 -12.78 -12.15
N ASN A 144 -1.93 -13.59 -12.75
CA ASN A 144 -2.70 -14.56 -11.98
C ASN A 144 -1.78 -15.57 -11.29
N ARG A 145 -0.86 -16.16 -12.05
CA ARG A 145 0.07 -17.14 -11.50
C ARG A 145 1.01 -16.48 -10.50
N LEU A 146 1.33 -15.22 -10.75
CA LEU A 146 2.24 -14.50 -9.86
C LEU A 146 1.69 -14.36 -8.44
N SER A 147 0.42 -13.99 -8.35
CA SER A 147 -0.20 -13.84 -7.04
C SER A 147 -0.14 -15.16 -6.27
N SER A 148 -0.18 -16.27 -6.99
CA SER A 148 -0.10 -17.58 -6.37
C SER A 148 1.32 -17.87 -5.93
N LEU A 149 2.28 -17.42 -6.73
CA LEU A 149 3.67 -17.62 -6.36
C LEU A 149 3.98 -16.84 -5.08
N LEU A 150 3.52 -15.59 -5.01
CA LEU A 150 3.80 -14.74 -3.87
C LEU A 150 3.28 -15.37 -2.59
N PHE A 151 2.14 -16.07 -2.68
CA PHE A 151 1.55 -16.75 -1.53
C PHE A 151 2.50 -17.87 -1.11
N VAL A 152 2.98 -18.63 -2.09
CA VAL A 152 3.89 -19.72 -1.76
C VAL A 152 5.17 -19.18 -1.12
N LEU A 153 5.72 -18.11 -1.70
CA LEU A 153 6.93 -17.52 -1.17
C LEU A 153 6.71 -16.99 0.26
N ALA A 154 5.52 -16.44 0.53
CA ALA A 154 5.27 -15.94 1.89
C ALA A 154 5.37 -17.11 2.86
N LEU A 155 4.85 -18.28 2.47
CA LEU A 155 4.89 -19.46 3.34
C LEU A 155 6.30 -20.03 3.44
N VAL A 156 7.04 -19.89 2.36
CA VAL A 156 8.40 -20.39 2.33
C VAL A 156 9.23 -19.57 3.29
N VAL A 157 9.06 -18.25 3.25
CA VAL A 157 9.83 -17.39 4.14
C VAL A 157 9.54 -17.76 5.59
N ASN A 158 8.27 -17.90 5.96
CA ASN A 158 7.96 -18.25 7.34
C ASN A 158 8.52 -19.61 7.72
N LYS A 159 8.45 -20.58 6.80
CA LYS A 159 9.02 -21.88 7.11
C LYS A 159 10.54 -21.81 7.29
N ARG A 160 11.25 -21.13 6.41
CA ARG A 160 12.72 -21.09 6.56
C ARG A 160 13.20 -20.29 7.79
N THR A 161 12.42 -19.31 8.23
CA THR A 161 12.84 -18.50 9.37
C THR A 161 12.22 -18.98 10.68
N ASN A 162 11.52 -20.11 10.62
CA ASN A 162 10.88 -20.71 11.80
C ASN A 162 9.80 -19.83 12.42
N ASN A 163 9.01 -19.19 11.57
CA ASN A 163 7.92 -18.35 12.01
C ASN A 163 6.60 -19.04 11.68
N PRO A 164 5.83 -19.41 12.71
CA PRO A 164 4.54 -20.07 12.49
C PRO A 164 3.67 -19.20 11.59
N ASN A 165 2.81 -19.79 10.78
CA ASN A 165 1.93 -18.97 9.96
C ASN A 165 0.77 -18.52 10.86
N VAL A 166 0.20 -17.35 10.59
CA VAL A 166 -0.95 -16.93 11.37
C VAL A 166 -2.15 -17.56 10.65
N ILE A 167 -3.03 -18.21 11.39
CA ILE A 167 -4.17 -18.85 10.74
C ILE A 167 -5.50 -18.37 11.27
N TRP A 168 -6.50 -18.35 10.39
CA TRP A 168 -7.83 -17.91 10.75
C TRP A 168 -8.47 -18.83 11.80
N ARG A 169 -8.80 -18.22 12.93
CA ARG A 169 -9.42 -18.82 14.11
C ARG A 169 -8.50 -19.53 15.11
N ASP B 23 -20.73 -7.33 -8.75
CA ASP B 23 -19.70 -8.41 -8.72
C ASP B 23 -18.28 -7.86 -8.75
N SER B 24 -17.97 -7.01 -9.73
CA SER B 24 -16.64 -6.41 -9.80
C SER B 24 -16.53 -5.57 -8.53
N GLU B 25 -17.70 -5.15 -8.03
CA GLU B 25 -17.84 -4.37 -6.82
C GLU B 25 -17.42 -5.27 -5.66
N ILE B 26 -17.95 -6.49 -5.68
CA ILE B 26 -17.62 -7.46 -4.66
C ILE B 26 -16.11 -7.73 -4.67
N VAL B 27 -15.59 -8.08 -5.84
CA VAL B 27 -14.16 -8.36 -5.99
C VAL B 27 -13.26 -7.24 -5.47
N LYS B 28 -13.58 -6.00 -5.86
CA LYS B 28 -12.82 -4.83 -5.44
C LYS B 28 -12.89 -4.69 -3.91
N ALA B 29 -14.07 -4.94 -3.34
CA ALA B 29 -14.24 -4.87 -1.90
C ALA B 29 -13.36 -5.96 -1.27
N LEU B 30 -13.44 -7.17 -1.79
CA LEU B 30 -12.63 -8.26 -1.25
C LEU B 30 -11.13 -7.93 -1.35
N GLY B 31 -10.74 -7.33 -2.46
CA GLY B 31 -9.34 -6.97 -2.63
C GLY B 31 -8.87 -5.92 -1.61
N ASP B 32 -9.73 -4.94 -1.32
CA ASP B 32 -9.35 -3.90 -0.36
C ASP B 32 -9.22 -4.50 1.04
N LEU B 33 -10.10 -5.44 1.37
CA LEU B 33 -10.08 -6.11 2.66
C LEU B 33 -8.83 -6.98 2.78
N ASP B 34 -8.38 -7.53 1.65
CA ASP B 34 -7.19 -8.37 1.60
C ASP B 34 -5.93 -7.51 1.76
N GLU B 35 -5.94 -6.32 1.16
CA GLU B 35 -4.80 -5.43 1.31
C GLU B 35 -4.75 -4.98 2.78
N LEU B 36 -5.91 -4.65 3.32
CA LEU B 36 -5.99 -4.24 4.71
C LEU B 36 -5.42 -5.32 5.64
N ASN B 37 -5.82 -6.58 5.41
CA ASN B 37 -5.34 -7.65 6.27
C ASN B 37 -3.82 -7.82 6.18
N SER B 38 -3.25 -7.54 5.01
CA SER B 38 -1.80 -7.65 4.84
C SER B 38 -1.06 -6.51 5.55
N VAL B 39 -1.59 -5.30 5.51
CA VAL B 39 -0.92 -4.21 6.20
C VAL B 39 -1.02 -4.51 7.70
N LEU B 40 -2.15 -5.08 8.13
CA LEU B 40 -2.28 -5.44 9.54
C LEU B 40 -1.22 -6.51 9.88
N GLY B 41 -0.99 -7.44 8.96
CA GLY B 41 0.02 -8.46 9.21
C GLY B 41 1.40 -7.83 9.39
N VAL B 42 1.66 -6.80 8.59
CA VAL B 42 2.94 -6.10 8.67
C VAL B 42 3.08 -5.43 10.04
N VAL B 43 1.99 -4.85 10.54
CA VAL B 43 2.03 -4.19 11.83
C VAL B 43 2.32 -5.19 12.94
N SER B 44 1.68 -6.35 12.87
CA SER B 44 1.87 -7.38 13.86
C SER B 44 3.33 -7.85 13.90
N SER B 45 3.93 -8.03 12.73
CA SER B 45 5.32 -8.46 12.67
C SER B 45 6.24 -7.39 13.28
N LEU B 46 5.86 -6.12 13.15
CA LEU B 46 6.68 -5.02 13.67
C LEU B 46 6.45 -4.69 15.13
N TYR B 47 5.25 -4.98 15.63
CA TYR B 47 4.96 -4.68 17.04
C TYR B 47 4.24 -5.89 17.65
N PRO B 48 4.96 -7.02 17.79
CA PRO B 48 4.46 -8.30 18.35
C PRO B 48 3.67 -8.14 19.64
N GLU B 49 4.02 -7.13 20.45
CA GLU B 49 3.28 -6.94 21.68
C GLU B 49 1.79 -6.67 21.46
N LEU B 50 1.39 -6.35 20.23
CA LEU B 50 -0.04 -6.13 19.89
C LEU B 50 -0.57 -7.23 18.95
N SER B 51 0.21 -8.29 18.76
CA SER B 51 -0.17 -9.41 17.90
C SER B 51 -1.51 -10.06 18.24
N GLU B 52 -1.74 -10.30 19.53
CA GLU B 52 -2.98 -10.93 19.95
C GLU B 52 -4.19 -10.10 19.54
N VAL B 53 -4.21 -8.80 19.83
CA VAL B 53 -5.37 -8.03 19.42
C VAL B 53 -5.44 -7.81 17.90
N ILE B 54 -4.30 -7.62 17.24
CA ILE B 54 -4.31 -7.40 15.78
C ILE B 54 -4.76 -8.67 15.01
N GLN B 55 -4.38 -9.83 15.52
CA GLN B 55 -4.79 -11.07 14.87
C GLN B 55 -6.31 -11.30 14.97
N LYS B 56 -6.92 -10.80 16.05
CA LYS B 56 -8.37 -10.90 16.22
C LYS B 56 -9.05 -10.02 15.16
N LEU B 57 -8.50 -8.83 14.94
CA LEU B 57 -9.05 -7.94 13.92
C LEU B 57 -8.86 -8.63 12.55
N GLN B 58 -7.72 -9.28 12.36
CA GLN B 58 -7.46 -9.98 11.10
C GLN B 58 -8.44 -11.11 10.95
N ASN B 59 -8.75 -11.76 12.06
CA ASN B 59 -9.69 -12.86 12.03
C ASN B 59 -11.08 -12.34 11.60
N ASP B 60 -11.51 -11.21 12.16
CA ASP B 60 -12.81 -10.63 11.78
C ASP B 60 -12.85 -10.16 10.31
N ILE B 61 -11.77 -9.54 9.83
CA ILE B 61 -11.70 -9.06 8.45
C ILE B 61 -11.90 -10.28 7.53
N PHE B 62 -11.27 -11.40 7.88
CA PHE B 62 -11.43 -12.59 7.08
C PHE B 62 -12.88 -13.12 7.17
N SER B 63 -13.46 -13.09 8.37
CA SER B 63 -14.84 -13.55 8.51
C SER B 63 -15.77 -12.65 7.72
N ILE B 64 -15.50 -11.35 7.74
CA ILE B 64 -16.32 -10.38 7.00
C ILE B 64 -16.20 -10.63 5.49
N SER B 65 -14.97 -10.85 5.03
CA SER B 65 -14.74 -11.13 3.63
C SER B 65 -15.49 -12.39 3.24
N SER B 66 -15.45 -13.41 4.09
CA SER B 66 -16.14 -14.66 3.83
C SER B 66 -17.65 -14.43 3.63
N GLU B 67 -18.24 -13.60 4.49
CA GLU B 67 -19.66 -13.32 4.39
C GLU B 67 -19.97 -12.59 3.11
N ILE B 68 -19.08 -11.70 2.67
CA ILE B 68 -19.32 -10.97 1.43
C ILE B 68 -19.16 -11.93 0.23
N ALA B 69 -18.37 -13.00 0.41
CA ALA B 69 -18.15 -13.98 -0.64
C ALA B 69 -19.23 -15.07 -0.65
N GLY B 70 -20.18 -14.98 0.28
CA GLY B 70 -21.25 -15.96 0.32
C GLY B 70 -21.40 -16.80 1.59
N PHE B 71 -20.41 -16.85 2.45
CA PHE B 71 -20.56 -17.65 3.64
C PHE B 71 -21.33 -16.91 4.73
N ASP B 72 -21.52 -17.57 5.86
CA ASP B 72 -22.23 -16.94 6.95
C ASP B 72 -21.58 -17.36 8.25
N ASN B 74 -22.36 -15.63 10.97
CA ASN B 74 -23.27 -15.04 11.91
C ASN B 74 -22.51 -13.88 12.57
N PHE B 75 -21.82 -13.11 11.74
CA PHE B 75 -21.05 -11.95 12.22
C PHE B 75 -22.09 -10.93 12.72
N SER B 76 -22.08 -10.62 14.01
CA SER B 76 -23.09 -9.71 14.57
C SER B 76 -22.60 -8.39 15.17
N ASP B 77 -23.55 -7.58 15.62
CA ASP B 77 -23.25 -6.28 16.18
C ASP B 77 -22.36 -6.39 17.40
N GLU B 78 -22.37 -7.56 18.02
CA GLU B 78 -21.52 -7.84 19.18
C GLU B 78 -20.06 -7.55 18.79
N LYS B 79 -19.70 -7.85 17.54
CA LYS B 79 -18.33 -7.60 17.04
C LYS B 79 -18.04 -6.11 17.12
N VAL B 80 -18.95 -5.30 16.57
CA VAL B 80 -18.82 -3.86 16.58
C VAL B 80 -18.63 -3.35 18.02
N LYS B 81 -19.44 -3.86 18.93
CA LYS B 81 -19.36 -3.43 20.31
C LYS B 81 -17.99 -3.79 20.89
N GLY B 82 -17.43 -4.91 20.44
CA GLY B 82 -16.12 -5.33 20.91
C GLY B 82 -15.07 -4.29 20.49
N ILE B 83 -15.22 -3.74 19.28
CA ILE B 83 -14.28 -2.74 18.79
C ILE B 83 -14.36 -1.42 19.57
N GLU B 84 -15.59 -0.97 19.86
CA GLU B 84 -15.81 0.26 20.59
C GLU B 84 -15.21 0.14 21.99
N GLU B 85 -15.26 -1.06 22.53
CA GLU B 85 -14.69 -1.30 23.87
C GLU B 85 -13.18 -1.14 23.79
N LEU B 86 -12.59 -1.64 22.72
CA LEU B 86 -11.14 -1.54 22.53
C LEU B 86 -10.75 -0.07 22.31
N ILE B 87 -11.56 0.66 21.55
CA ILE B 87 -11.29 2.07 21.30
C ILE B 87 -11.27 2.81 22.66
N THR B 88 -12.29 2.53 23.47
CA THR B 88 -12.42 3.15 24.78
C THR B 88 -11.24 2.83 25.71
N ASN B 89 -10.94 1.54 25.84
CA ASN B 89 -9.87 1.12 26.74
C ASN B 89 -8.49 1.60 26.35
N TYR B 90 -8.16 1.54 25.06
CA TYR B 90 -6.85 2.00 24.61
C TYR B 90 -6.72 3.52 24.74
N SER B 91 -7.81 4.24 24.47
CA SER B 91 -7.80 5.70 24.57
C SER B 91 -7.46 6.16 25.99
N LYS B 92 -7.70 5.29 26.99
CA LYS B 92 -7.39 5.67 28.37
C LYS B 92 -5.91 5.94 28.58
N GLU B 93 -5.04 5.37 27.74
CA GLU B 93 -3.60 5.60 27.87
C GLU B 93 -3.21 6.94 27.27
N LEU B 94 -4.13 7.52 26.50
CA LEU B 94 -3.87 8.76 25.80
C LEU B 94 -4.39 10.02 26.49
N GLU B 95 -3.76 11.15 26.18
CA GLU B 95 -4.18 12.43 26.72
C GLU B 95 -5.09 13.09 25.70
N PRO B 96 -5.67 14.24 26.05
CA PRO B 96 -6.53 14.90 25.08
C PRO B 96 -5.65 15.30 23.89
N LEU B 97 -6.20 15.20 22.69
CA LEU B 97 -5.46 15.52 21.48
C LEU B 97 -5.78 16.94 21.00
N ARG B 98 -4.76 17.78 20.83
CA ARG B 98 -5.00 19.15 20.42
C ARG B 98 -4.27 19.55 19.12
N ASN B 99 -4.12 18.59 18.22
CA ASN B 99 -3.47 18.82 16.92
C ASN B 99 -3.93 17.73 15.96
N PHE B 100 -3.70 17.96 14.67
CA PHE B 100 -4.02 16.93 13.70
C PHE B 100 -2.72 16.18 13.57
N VAL B 101 -2.80 14.86 13.75
CA VAL B 101 -1.64 14.01 13.69
C VAL B 101 -1.38 13.51 12.27
N LEU B 102 -0.12 13.54 11.83
CA LEU B 102 0.27 13.04 10.53
C LEU B 102 1.02 11.72 10.78
N PRO B 103 0.94 10.77 9.83
CA PRO B 103 1.64 9.49 10.00
C PRO B 103 3.12 9.71 10.34
N GLY B 104 3.60 8.99 11.34
CA GLY B 104 5.00 9.14 11.69
C GLY B 104 5.36 8.53 13.03
N GLY B 105 6.63 8.64 13.38
CA GLY B 105 7.09 8.12 14.65
C GLY B 105 7.63 6.72 14.51
N HIS B 106 7.20 5.86 15.43
CA HIS B 106 7.62 4.47 15.41
C HIS B 106 7.15 3.84 14.11
N ILE B 107 7.97 2.96 13.53
CA ILE B 107 7.62 2.31 12.27
C ILE B 107 6.25 1.63 12.30
N ALA B 108 5.91 0.98 13.41
CA ALA B 108 4.62 0.30 13.49
C ALA B 108 3.46 1.31 13.57
N SER B 109 3.75 2.49 14.11
CA SER B 109 2.74 3.55 14.23
C SER B 109 2.44 4.06 12.80
N SER B 110 3.48 4.27 12.02
CA SER B 110 3.30 4.72 10.62
C SER B 110 2.49 3.67 9.85
N PHE B 111 2.79 2.39 10.07
CA PHE B 111 2.04 1.36 9.37
C PHE B 111 0.57 1.24 9.84
N LEU B 112 0.28 1.64 11.09
CA LEU B 112 -1.10 1.56 11.58
C LEU B 112 -1.94 2.65 10.88
N HIS B 113 -1.30 3.79 10.62
CA HIS B 113 -1.92 4.89 9.89
C HIS B 113 -2.23 4.43 8.49
N LEU B 114 -1.32 3.65 7.91
CA LEU B 114 -1.52 3.12 6.56
C LEU B 114 -2.69 2.17 6.64
N ALA B 115 -2.70 1.34 7.68
CA ALA B 115 -3.78 0.39 7.88
C ALA B 115 -5.10 1.17 7.93
N ARG B 116 -5.10 2.28 8.67
CA ARG B 116 -6.30 3.11 8.78
C ARG B 116 -6.73 3.59 7.39
N ALA B 117 -5.79 4.09 6.60
CA ALA B 117 -6.11 4.58 5.27
C ALA B 117 -6.67 3.48 4.36
N VAL B 118 -6.03 2.32 4.36
CA VAL B 118 -6.51 1.23 3.53
C VAL B 118 -7.86 0.73 4.08
N CYS B 119 -8.04 0.79 5.39
CA CYS B 119 -9.28 0.35 6.01
C CYS B 119 -10.42 1.26 5.58
N ARG B 120 -10.13 2.56 5.44
CA ARG B 120 -11.13 3.52 4.99
C ARG B 120 -11.47 3.26 3.53
N ARG B 121 -10.48 2.80 2.76
CA ARG B 121 -10.71 2.48 1.36
C ARG B 121 -11.60 1.24 1.34
N ALA B 122 -11.31 0.27 2.19
CA ALA B 122 -12.12 -0.95 2.21
C ALA B 122 -13.55 -0.60 2.63
N GLU B 123 -13.68 0.33 3.56
CA GLU B 123 -14.99 0.76 4.03
C GLU B 123 -15.82 1.32 2.88
N ARG B 124 -15.22 2.20 2.08
CA ARG B 124 -15.89 2.80 0.94
C ARG B 124 -16.43 1.72 0.00
N SER B 125 -15.62 0.70 -0.27
CA SER B 125 -16.03 -0.39 -1.14
C SER B 125 -17.18 -1.21 -0.54
N VAL B 126 -17.10 -1.49 0.76
CA VAL B 126 -18.14 -2.27 1.42
C VAL B 126 -19.44 -1.48 1.51
N VAL B 127 -19.33 -0.17 1.75
CA VAL B 127 -20.52 0.66 1.83
C VAL B 127 -21.19 0.68 0.44
N THR B 128 -20.38 0.63 -0.61
CA THR B 128 -20.92 0.60 -1.97
C THR B 128 -21.73 -0.69 -2.17
N LEU B 129 -21.31 -1.77 -1.52
CA LEU B 129 -22.02 -3.03 -1.63
C LEU B 129 -23.28 -3.04 -0.77
N LEU B 130 -23.25 -2.25 0.30
CA LEU B 130 -24.37 -2.16 1.23
C LEU B 130 -25.61 -1.68 0.50
N LYS B 131 -25.43 -0.62 -0.28
CA LYS B 131 -26.52 -0.01 -1.04
C LYS B 131 -27.18 -0.93 -2.03
N GLU B 132 -26.55 -2.06 -2.32
CA GLU B 132 -27.09 -3.04 -3.25
C GLU B 132 -27.37 -4.35 -2.55
N SER B 133 -27.41 -4.29 -1.22
CA SER B 133 -27.66 -5.46 -0.38
C SER B 133 -26.65 -6.57 -0.59
N LYS B 134 -25.44 -6.21 -1.01
CA LYS B 134 -24.40 -7.20 -1.23
C LYS B 134 -23.43 -7.26 -0.05
N ALA B 135 -23.80 -6.56 1.02
CA ALA B 135 -23.01 -6.53 2.24
C ALA B 135 -23.95 -6.20 3.41
N LYS B 136 -23.54 -6.55 4.61
CA LYS B 136 -24.35 -6.30 5.80
C LYS B 136 -23.98 -4.95 6.39
N GLU B 137 -24.92 -4.33 7.08
CA GLU B 137 -24.68 -3.05 7.70
C GLU B 137 -23.59 -3.23 8.76
N VAL B 138 -23.57 -4.39 9.42
CA VAL B 138 -22.57 -4.63 10.46
C VAL B 138 -21.15 -4.64 9.88
N HIS B 139 -21.02 -5.03 8.62
CA HIS B 139 -19.70 -5.02 7.99
C HIS B 139 -19.17 -3.60 7.93
N ALA B 140 -19.97 -2.70 7.35
CA ALA B 140 -19.62 -1.31 7.19
C ALA B 140 -19.32 -0.67 8.55
N LYS B 141 -20.17 -0.92 9.53
CA LYS B 141 -19.97 -0.32 10.85
C LYS B 141 -18.71 -0.88 11.52
N TYR B 142 -18.47 -2.17 11.36
CA TYR B 142 -17.28 -2.77 11.95
C TYR B 142 -16.03 -2.06 11.38
N LEU B 143 -15.98 -1.93 10.06
CA LEU B 143 -14.85 -1.29 9.38
C LEU B 143 -14.69 0.19 9.75
N ASN B 144 -15.80 0.87 9.97
CA ASN B 144 -15.77 2.28 10.35
C ASN B 144 -15.14 2.37 11.74
N ARG B 145 -15.56 1.50 12.66
CA ARG B 145 -15.00 1.53 14.01
C ARG B 145 -13.54 1.14 13.98
N LEU B 146 -13.22 0.16 13.13
CA LEU B 146 -11.86 -0.31 13.01
C LEU B 146 -10.86 0.81 12.64
N SER B 147 -11.22 1.68 11.69
CA SER B 147 -10.26 2.73 11.33
C SER B 147 -10.00 3.64 12.52
N SER B 148 -11.01 3.84 13.36
CA SER B 148 -10.82 4.70 14.53
C SER B 148 -9.90 3.97 15.50
N LEU B 149 -10.09 2.66 15.65
CA LEU B 149 -9.22 1.90 16.55
C LEU B 149 -7.77 1.93 16.07
N LEU B 150 -7.59 1.82 14.76
CA LEU B 150 -6.23 1.80 14.21
C LEU B 150 -5.48 3.10 14.52
N PHE B 151 -6.18 4.23 14.41
CA PHE B 151 -5.60 5.53 14.68
C PHE B 151 -5.18 5.55 16.13
N VAL B 152 -6.05 5.08 17.03
CA VAL B 152 -5.73 5.06 18.46
C VAL B 152 -4.54 4.18 18.77
N LEU B 153 -4.43 3.06 18.05
CA LEU B 153 -3.32 2.12 18.28
C LEU B 153 -2.03 2.76 17.81
N ALA B 154 -2.12 3.56 16.77
CA ALA B 154 -0.94 4.23 16.26
C ALA B 154 -0.39 5.18 17.35
N LEU B 155 -1.27 5.92 18.03
CA LEU B 155 -0.83 6.87 19.06
C LEU B 155 -0.31 6.11 20.26
N VAL B 156 -1.00 5.04 20.63
CA VAL B 156 -0.59 4.21 21.76
C VAL B 156 0.83 3.66 21.56
N VAL B 157 1.14 3.26 20.33
CA VAL B 157 2.46 2.70 20.04
C VAL B 157 3.51 3.78 20.20
N ASN B 158 3.23 4.97 19.70
CA ASN B 158 4.21 6.03 19.84
C ASN B 158 4.35 6.41 21.32
N LYS B 159 3.22 6.45 22.01
CA LYS B 159 3.26 6.79 23.41
C LYS B 159 4.08 5.76 24.19
N ARG B 160 3.84 4.48 23.95
CA ARG B 160 4.58 3.44 24.67
C ARG B 160 6.06 3.34 24.32
N THR B 161 6.42 3.77 23.12
CA THR B 161 7.82 3.67 22.71
C THR B 161 8.55 5.00 22.77
N ASN B 162 7.89 6.01 23.32
CA ASN B 162 8.46 7.34 23.48
C ASN B 162 8.81 8.06 22.17
N ASN B 163 7.94 7.90 21.17
CA ASN B 163 8.09 8.57 19.89
C ASN B 163 7.01 9.63 19.82
N PRO B 164 7.41 10.90 19.66
CA PRO B 164 6.44 11.99 19.58
C PRO B 164 5.65 11.82 18.28
N ASN B 165 4.39 12.15 18.31
CA ASN B 165 3.59 12.08 17.10
C ASN B 165 4.01 13.21 16.19
N VAL B 166 3.86 13.03 14.89
CA VAL B 166 4.17 14.10 13.95
C VAL B 166 2.86 14.87 13.83
N ILE B 167 2.90 16.18 13.85
CA ILE B 167 1.67 16.96 13.80
C ILE B 167 1.69 18.04 12.73
N TRP B 168 0.55 18.27 12.11
CA TRP B 168 0.44 19.28 11.06
C TRP B 168 0.80 20.64 11.63
N ARG B 169 1.82 21.22 10.99
CA ARG B 169 2.41 22.51 11.34
C ARG B 169 3.29 22.37 12.60
N ASP C 23 -19.15 14.03 -3.07
CA ASP C 23 -18.48 13.42 -4.25
C ASP C 23 -17.69 12.17 -3.91
N SER C 24 -18.03 11.05 -4.54
CA SER C 24 -17.30 9.82 -4.30
C SER C 24 -15.90 10.07 -4.87
N GLU C 25 -15.82 11.05 -5.77
CA GLU C 25 -14.55 11.39 -6.40
C GLU C 25 -13.67 12.16 -5.41
N ILE C 26 -14.31 13.04 -4.63
CA ILE C 26 -13.58 13.80 -3.63
C ILE C 26 -13.04 12.88 -2.55
N VAL C 27 -13.90 11.98 -2.05
CA VAL C 27 -13.46 11.05 -1.01
C VAL C 27 -12.35 10.13 -1.51
N LYS C 28 -12.37 9.82 -2.81
CA LYS C 28 -11.33 8.95 -3.37
C LYS C 28 -10.00 9.70 -3.32
N ALA C 29 -10.01 10.92 -3.86
CA ALA C 29 -8.83 11.76 -3.87
C ALA C 29 -8.26 11.91 -2.45
N LEU C 30 -9.14 12.23 -1.48
CA LEU C 30 -8.71 12.38 -0.09
C LEU C 30 -8.11 11.08 0.43
N GLY C 31 -8.71 9.97 0.04
CA GLY C 31 -8.22 8.66 0.44
C GLY C 31 -6.85 8.37 -0.14
N ASP C 32 -6.64 8.71 -1.41
CA ASP C 32 -5.34 8.45 -2.01
C ASP C 32 -4.28 9.31 -1.34
N LEU C 33 -4.67 10.52 -0.96
CA LEU C 33 -3.78 11.46 -0.29
C LEU C 33 -3.38 10.97 1.10
N ASP C 34 -4.33 10.37 1.82
CA ASP C 34 -4.09 9.81 3.16
C ASP C 34 -3.12 8.61 3.08
N GLU C 35 -3.28 7.75 2.06
CA GLU C 35 -2.38 6.62 1.88
C GLU C 35 -0.97 7.14 1.58
N LEU C 36 -0.90 8.16 0.72
CA LEU C 36 0.38 8.74 0.37
C LEU C 36 1.07 9.29 1.62
N ASN C 37 0.34 10.06 2.43
CA ASN C 37 0.96 10.64 3.62
C ASN C 37 1.43 9.54 4.56
N SER C 38 0.74 8.41 4.54
CA SER C 38 1.08 7.27 5.38
C SER C 38 2.36 6.55 4.91
N VAL C 39 2.50 6.35 3.60
CA VAL C 39 3.72 5.70 3.12
C VAL C 39 4.86 6.69 3.42
N LEU C 40 4.58 7.98 3.28
CA LEU C 40 5.61 8.97 3.54
C LEU C 40 6.09 8.87 5.00
N GLY C 41 5.17 8.63 5.91
CA GLY C 41 5.55 8.48 7.31
C GLY C 41 6.41 7.25 7.49
N VAL C 42 6.10 6.20 6.73
CA VAL C 42 6.89 4.98 6.80
C VAL C 42 8.34 5.34 6.38
N VAL C 43 8.47 6.04 5.25
CA VAL C 43 9.79 6.42 4.77
C VAL C 43 10.53 7.18 5.86
N SER C 44 9.84 8.13 6.46
CA SER C 44 10.44 8.94 7.49
C SER C 44 10.94 8.11 8.65
N SER C 45 10.09 7.18 9.09
CA SER C 45 10.45 6.29 10.19
C SER C 45 11.70 5.44 9.86
N LEU C 46 11.83 5.02 8.60
CA LEU C 46 12.96 4.17 8.20
C LEU C 46 14.24 4.96 7.92
N TYR C 47 14.10 6.17 7.39
CA TYR C 47 15.25 7.00 7.09
C TYR C 47 15.11 8.38 7.77
N PRO C 48 15.27 8.45 9.11
CA PRO C 48 15.16 9.67 9.95
C PRO C 48 15.92 10.90 9.40
N GLU C 49 17.02 10.64 8.70
CA GLU C 49 17.83 11.72 8.15
C GLU C 49 17.00 12.62 7.22
N LEU C 50 15.96 12.07 6.60
CA LEU C 50 15.11 12.85 5.73
C LEU C 50 13.79 13.26 6.40
N SER C 51 13.70 13.09 7.72
CA SER C 51 12.49 13.43 8.48
C SER C 51 12.02 14.87 8.26
N GLU C 52 12.94 15.82 8.41
CA GLU C 52 12.64 17.22 8.24
C GLU C 52 12.02 17.53 6.87
N VAL C 53 12.61 17.02 5.80
CA VAL C 53 12.08 17.28 4.47
C VAL C 53 10.77 16.54 4.22
N ILE C 54 10.68 15.29 4.66
CA ILE C 54 9.46 14.52 4.45
C ILE C 54 8.26 15.08 5.24
N GLN C 55 8.51 15.56 6.45
CA GLN C 55 7.42 16.12 7.24
C GLN C 55 6.88 17.39 6.60
N LYS C 56 7.73 18.12 5.89
CA LYS C 56 7.27 19.32 5.19
C LYS C 56 6.35 18.91 4.04
N LEU C 57 6.72 17.83 3.34
CA LEU C 57 5.90 17.37 2.23
C LEU C 57 4.56 16.86 2.79
N GLN C 58 4.61 16.19 3.94
CA GLN C 58 3.40 15.66 4.57
C GLN C 58 2.51 16.81 4.98
N ASN C 59 3.14 17.86 5.50
CA ASN C 59 2.39 19.03 5.91
C ASN C 59 1.66 19.57 4.68
N ASP C 60 2.38 19.71 3.57
CA ASP C 60 1.72 20.22 2.37
C ASP C 60 0.55 19.33 1.90
N ILE C 61 0.72 18.01 2.03
CA ILE C 61 -0.32 17.11 1.60
C ILE C 61 -1.55 17.24 2.45
N PHE C 62 -1.36 17.49 3.73
CA PHE C 62 -2.51 17.66 4.62
C PHE C 62 -3.22 18.96 4.24
N SER C 63 -2.43 20.02 3.98
CA SER C 63 -2.99 21.30 3.59
C SER C 63 -3.77 21.17 2.28
N ILE C 64 -3.22 20.43 1.33
CA ILE C 64 -3.90 20.21 0.06
C ILE C 64 -5.19 19.45 0.35
N SER C 65 -5.08 18.44 1.21
CA SER C 65 -6.26 17.65 1.56
C SER C 65 -7.32 18.54 2.19
N SER C 66 -6.90 19.46 3.06
CA SER C 66 -7.84 20.36 3.70
C SER C 66 -8.54 21.28 2.70
N GLU C 67 -7.81 21.73 1.67
CA GLU C 67 -8.45 22.61 0.69
C GLU C 67 -9.48 21.85 -0.13
N ILE C 68 -9.13 20.66 -0.59
CA ILE C 68 -10.08 19.85 -1.34
C ILE C 68 -11.30 19.60 -0.44
N ALA C 69 -11.09 19.46 0.86
CA ALA C 69 -12.20 19.21 1.78
C ALA C 69 -13.04 20.47 2.07
N GLY C 70 -12.68 21.60 1.46
CA GLY C 70 -13.44 22.82 1.67
C GLY C 70 -12.75 23.95 2.44
N PHE C 71 -11.54 23.71 2.93
CA PHE C 71 -10.86 24.78 3.64
C PHE C 71 -10.07 25.62 2.65
N ASP C 72 -9.28 26.55 3.15
CA ASP C 72 -8.51 27.40 2.26
C ASP C 72 -7.27 27.84 3.01
N ASN C 74 -4.77 29.03 1.38
CA ASN C 74 -4.13 29.93 0.44
C ASN C 74 -2.88 29.24 -0.13
N PHE C 75 -2.99 27.94 -0.40
CA PHE C 75 -1.89 27.14 -0.95
C PHE C 75 -1.51 27.72 -2.33
N SER C 76 -0.31 28.25 -2.49
CA SER C 76 0.08 28.87 -3.77
C SER C 76 1.21 28.20 -4.54
N ASP C 77 1.43 28.70 -5.76
CA ASP C 77 2.47 28.19 -6.67
C ASP C 77 3.84 28.23 -6.04
N GLU C 78 4.04 29.08 -5.04
CA GLU C 78 5.35 29.14 -4.38
C GLU C 78 5.69 27.73 -3.86
N LYS C 79 4.66 26.95 -3.55
CA LYS C 79 4.83 25.59 -3.06
C LYS C 79 5.46 24.71 -4.10
N VAL C 80 4.94 24.80 -5.33
CA VAL C 80 5.47 24.00 -6.42
C VAL C 80 6.94 24.32 -6.72
N LYS C 81 7.27 25.61 -6.74
CA LYS C 81 8.65 26.02 -7.01
C LYS C 81 9.54 25.44 -5.94
N GLY C 82 9.01 25.35 -4.71
CA GLY C 82 9.76 24.79 -3.61
C GLY C 82 10.13 23.34 -3.88
N ILE C 83 9.22 22.61 -4.53
CA ILE C 83 9.48 21.21 -4.86
C ILE C 83 10.60 21.20 -5.93
N GLU C 84 10.43 22.04 -6.94
CA GLU C 84 11.40 22.16 -8.03
C GLU C 84 12.79 22.37 -7.49
N GLU C 85 12.91 23.25 -6.51
CA GLU C 85 14.19 23.55 -5.90
C GLU C 85 14.80 22.31 -5.25
N LEU C 86 13.96 21.54 -4.55
CA LEU C 86 14.42 20.34 -3.87
C LEU C 86 14.87 19.32 -4.91
N ILE C 87 14.06 19.15 -5.95
CA ILE C 87 14.41 18.22 -7.01
C ILE C 87 15.84 18.54 -7.48
N THR C 88 16.10 19.82 -7.75
CA THR C 88 17.40 20.29 -8.23
C THR C 88 18.54 20.09 -7.25
N ASN C 89 18.34 20.48 -5.99
CA ASN C 89 19.39 20.34 -5.01
C ASN C 89 19.76 18.89 -4.70
N TYR C 90 18.78 18.00 -4.67
CA TYR C 90 19.04 16.59 -4.37
C TYR C 90 19.62 15.88 -5.60
N SER C 91 19.28 16.37 -6.79
CA SER C 91 19.79 15.78 -8.01
C SER C 91 21.31 15.97 -8.15
N LYS C 92 21.83 17.00 -7.48
CA LYS C 92 23.25 17.31 -7.52
C LYS C 92 24.10 16.24 -6.88
N GLU C 93 23.44 15.31 -6.20
CA GLU C 93 24.12 14.19 -5.56
C GLU C 93 24.11 13.01 -6.50
N LEU C 94 23.08 12.95 -7.32
CA LEU C 94 22.94 11.84 -8.24
C LEU C 94 23.73 11.94 -9.53
N GLU C 95 23.83 10.80 -10.19
CA GLU C 95 24.46 10.71 -11.48
C GLU C 95 23.38 10.27 -12.40
N PRO C 96 23.58 10.48 -13.71
CA PRO C 96 22.68 10.16 -14.83
C PRO C 96 21.87 8.89 -14.79
N LEU C 97 20.57 9.05 -15.07
CA LEU C 97 19.70 7.88 -15.14
C LEU C 97 20.16 7.17 -16.39
N ARG C 98 21.08 6.22 -16.19
CA ARG C 98 21.61 5.46 -17.31
C ARG C 98 20.43 4.67 -17.86
N ASN C 99 20.02 3.65 -17.10
CA ASN C 99 18.91 2.81 -17.49
C ASN C 99 17.68 3.08 -16.62
N PHE C 100 16.70 2.18 -16.73
CA PHE C 100 15.46 2.29 -15.95
C PHE C 100 15.70 1.63 -14.60
N VAL C 101 15.23 2.26 -13.54
CA VAL C 101 15.41 1.75 -12.19
C VAL C 101 14.20 0.98 -11.68
N LEU C 102 14.45 -0.17 -11.08
CA LEU C 102 13.38 -0.99 -10.50
C LEU C 102 13.50 -0.84 -8.99
N PRO C 103 12.38 -0.66 -8.29
CA PRO C 103 12.36 -0.51 -6.83
C PRO C 103 13.30 -1.51 -6.15
N GLY C 104 14.18 -1.02 -5.29
CA GLY C 104 15.12 -1.90 -4.63
C GLY C 104 16.22 -1.15 -3.88
N GLY C 105 17.14 -1.90 -3.30
CA GLY C 105 18.21 -1.28 -2.55
C GLY C 105 17.88 -1.17 -1.08
N HIS C 106 18.02 0.03 -0.54
CA HIS C 106 17.72 0.27 0.86
C HIS C 106 16.20 0.18 1.01
N ILE C 107 15.73 -0.33 2.14
CA ILE C 107 14.30 -0.47 2.41
C ILE C 107 13.61 0.90 2.18
N ALA C 108 14.15 1.97 2.76
CA ALA C 108 13.55 3.30 2.59
C ALA C 108 13.43 3.73 1.11
N SER C 109 14.44 3.36 0.32
CA SER C 109 14.41 3.68 -1.11
C SER C 109 13.20 3.00 -1.77
N SER C 110 12.99 1.71 -1.46
CA SER C 110 11.87 0.96 -2.02
C SER C 110 10.54 1.60 -1.60
N PHE C 111 10.48 2.12 -0.37
CA PHE C 111 9.24 2.75 0.06
C PHE C 111 9.06 4.11 -0.61
N LEU C 112 10.17 4.73 -1.02
CA LEU C 112 10.05 6.00 -1.73
C LEU C 112 9.44 5.70 -3.11
N HIS C 113 9.81 4.57 -3.70
CA HIS C 113 9.24 4.20 -4.98
C HIS C 113 7.75 4.00 -4.78
N LEU C 114 7.37 3.29 -3.70
CA LEU C 114 5.96 3.03 -3.40
C LEU C 114 5.29 4.39 -3.29
N ALA C 115 5.96 5.30 -2.56
CA ALA C 115 5.42 6.65 -2.36
C ALA C 115 5.17 7.33 -3.71
N ARG C 116 6.12 7.20 -4.63
CA ARG C 116 5.99 7.80 -5.96
C ARG C 116 4.76 7.26 -6.66
N ALA C 117 4.57 5.95 -6.59
CA ALA C 117 3.41 5.32 -7.23
C ALA C 117 2.09 5.75 -6.59
N VAL C 118 2.04 5.81 -5.26
CA VAL C 118 0.79 6.23 -4.61
C VAL C 118 0.51 7.69 -4.93
N CYS C 119 1.56 8.51 -4.95
CA CYS C 119 1.46 9.94 -5.27
C CYS C 119 0.91 10.15 -6.69
N ARG C 120 1.36 9.30 -7.63
CA ARG C 120 0.89 9.37 -9.01
C ARG C 120 -0.61 9.00 -9.07
N ARG C 121 -1.02 8.00 -8.29
CA ARG C 121 -2.42 7.60 -8.21
C ARG C 121 -3.23 8.79 -7.66
N ALA C 122 -2.70 9.42 -6.61
CA ALA C 122 -3.36 10.58 -6.01
C ALA C 122 -3.38 11.72 -7.02
N GLU C 123 -2.37 11.77 -7.88
CA GLU C 123 -2.30 12.82 -8.90
C GLU C 123 -3.45 12.65 -9.90
N ARG C 124 -3.72 11.41 -10.30
CA ARG C 124 -4.80 11.13 -11.25
C ARG C 124 -6.14 11.53 -10.61
N SER C 125 -6.31 11.19 -9.33
CA SER C 125 -7.56 11.49 -8.63
C SER C 125 -7.81 12.99 -8.53
N VAL C 126 -6.77 13.74 -8.18
CA VAL C 126 -6.88 15.19 -8.04
C VAL C 126 -7.18 15.83 -9.38
N VAL C 127 -6.58 15.30 -10.44
CA VAL C 127 -6.80 15.83 -11.78
C VAL C 127 -8.28 15.64 -12.12
N THR C 128 -8.84 14.50 -11.73
CA THR C 128 -10.24 14.20 -11.99
C THR C 128 -11.16 15.25 -11.35
N LEU C 129 -10.80 15.72 -10.15
CA LEU C 129 -11.59 16.73 -9.46
C LEU C 129 -11.35 18.10 -10.09
N LEU C 130 -10.14 18.28 -10.61
CA LEU C 130 -9.73 19.53 -11.24
C LEU C 130 -10.60 19.87 -12.46
N LYS C 131 -10.94 18.85 -13.24
CA LYS C 131 -11.75 19.02 -14.43
C LYS C 131 -13.21 19.33 -14.11
N GLU C 132 -13.56 19.30 -12.83
CA GLU C 132 -14.92 19.58 -12.39
C GLU C 132 -14.88 20.79 -11.48
N SER C 133 -13.70 21.38 -11.37
CA SER C 133 -13.46 22.56 -10.54
C SER C 133 -13.59 22.27 -9.03
N LYS C 134 -13.19 21.07 -8.60
CA LYS C 134 -13.26 20.68 -7.19
C LYS C 134 -11.86 20.56 -6.59
N ALA C 135 -10.88 21.09 -7.31
CA ALA C 135 -9.49 21.10 -6.88
C ALA C 135 -8.79 22.24 -7.61
N LYS C 136 -7.61 22.63 -7.12
CA LYS C 136 -6.86 23.73 -7.73
C LYS C 136 -5.75 23.18 -8.60
N GLU C 137 -5.44 23.87 -9.69
CA GLU C 137 -4.36 23.43 -10.56
C GLU C 137 -3.07 23.26 -9.78
N VAL C 138 -2.88 24.11 -8.77
CA VAL C 138 -1.67 24.03 -7.96
C VAL C 138 -1.62 22.72 -7.18
N HIS C 139 -2.79 22.14 -6.90
CA HIS C 139 -2.87 20.85 -6.19
C HIS C 139 -2.30 19.74 -7.09
N ALA C 140 -2.85 19.65 -8.30
CA ALA C 140 -2.41 18.64 -9.26
C ALA C 140 -0.96 18.89 -9.64
N LYS C 141 -0.59 20.16 -9.82
CA LYS C 141 0.77 20.47 -10.20
C LYS C 141 1.77 20.13 -9.10
N TYR C 142 1.42 20.45 -7.85
CA TYR C 142 2.30 20.13 -6.72
C TYR C 142 2.52 18.60 -6.70
N LEU C 143 1.44 17.83 -6.78
CA LEU C 143 1.56 16.38 -6.77
C LEU C 143 2.41 15.89 -7.97
N ASN C 144 2.24 16.53 -9.12
CA ASN C 144 3.00 16.16 -10.31
C ASN C 144 4.50 16.27 -10.03
N ARG C 145 4.93 17.39 -9.45
CA ARG C 145 6.35 17.56 -9.15
C ARG C 145 6.79 16.69 -7.98
N LEU C 146 5.88 16.46 -7.03
CA LEU C 146 6.21 15.64 -5.89
C LEU C 146 6.63 14.22 -6.28
N SER C 147 5.88 13.55 -7.17
CA SER C 147 6.28 12.21 -7.57
C SER C 147 7.71 12.19 -8.11
N SER C 148 8.07 13.21 -8.88
CA SER C 148 9.42 13.31 -9.43
C SER C 148 10.44 13.41 -8.30
N LEU C 149 10.15 14.27 -7.33
CA LEU C 149 11.04 14.43 -6.19
C LEU C 149 11.19 13.12 -5.41
N LEU C 150 10.09 12.39 -5.26
CA LEU C 150 10.16 11.13 -4.53
C LEU C 150 11.11 10.16 -5.22
N PHE C 151 11.09 10.14 -6.56
CA PHE C 151 11.99 9.29 -7.33
C PHE C 151 13.43 9.69 -7.03
N VAL C 152 13.72 10.98 -7.11
CA VAL C 152 15.07 11.46 -6.80
C VAL C 152 15.51 11.06 -5.38
N LEU C 153 14.58 11.14 -4.43
CA LEU C 153 14.93 10.78 -3.04
C LEU C 153 15.25 9.28 -2.86
N ALA C 154 14.61 8.42 -3.65
CA ALA C 154 14.88 6.99 -3.57
C ALA C 154 16.32 6.74 -4.05
N LEU C 155 16.72 7.47 -5.09
CA LEU C 155 18.07 7.34 -5.66
C LEU C 155 19.08 7.90 -4.69
N VAL C 156 18.69 8.97 -4.00
CA VAL C 156 19.55 9.58 -3.00
C VAL C 156 19.82 8.64 -1.84
N VAL C 157 18.76 8.01 -1.33
CA VAL C 157 18.90 7.06 -0.21
C VAL C 157 19.88 5.94 -0.57
N ASN C 158 19.69 5.35 -1.74
CA ASN C 158 20.58 4.26 -2.16
C ASN C 158 22.02 4.78 -2.29
N LYS C 159 22.20 5.97 -2.85
CA LYS C 159 23.57 6.48 -2.99
C LYS C 159 24.23 6.75 -1.64
N ARG C 160 23.50 7.33 -0.69
CA ARG C 160 24.11 7.60 0.61
C ARG C 160 24.41 6.35 1.41
N THR C 161 23.64 5.30 1.18
CA THR C 161 23.80 4.05 1.92
C THR C 161 24.55 2.99 1.11
N ASN C 162 25.09 3.40 -0.03
CA ASN C 162 25.85 2.50 -0.89
C ASN C 162 25.07 1.27 -1.31
N ASN C 163 23.87 1.50 -1.81
CA ASN C 163 23.03 0.42 -2.28
C ASN C 163 22.90 0.64 -3.77
N PRO C 164 23.31 -0.35 -4.57
CA PRO C 164 23.21 -0.23 -6.03
C PRO C 164 21.74 -0.20 -6.40
N ASN C 165 21.39 0.57 -7.42
CA ASN C 165 20.00 0.61 -7.84
C ASN C 165 19.84 -0.64 -8.69
N VAL C 166 18.61 -1.15 -8.82
CA VAL C 166 18.40 -2.32 -9.63
C VAL C 166 17.93 -1.81 -10.99
N ILE C 167 18.63 -2.18 -12.05
CA ILE C 167 18.26 -1.72 -13.38
C ILE C 167 17.53 -2.79 -14.18
N TRP C 168 16.67 -2.36 -15.08
CA TRP C 168 15.89 -3.27 -15.93
C TRP C 168 16.75 -3.94 -17.02
#